data_6MH3
#
_entry.id   6MH3
#
_cell.length_a   53.480
_cell.length_b   68.691
_cell.length_c   56.736
_cell.angle_alpha   90.00
_cell.angle_beta   92.39
_cell.angle_gamma   90.00
#
_symmetry.space_group_name_H-M   'P 1 21 1'
#
loop_
_entity.id
_entity.type
_entity.pdbx_description
1 polymer 'Zika virus NS3 helicase domain'
2 non-polymer 1,2-ETHANEDIOL
3 non-polymer 'PHOSPHATE ION'
4 non-polymer (4S)-2-METHYL-2,4-PENTANEDIOL
5 water water
#
_entity_poly.entity_id   1
_entity_poly.type   'polypeptide(L)'
_entity_poly.pdbx_seq_one_letter_code
;MLKKKQLTVLDLHPGAGKTRRVLPEIVREAIKKRLRTVILAPTRVVAAEMEEALRGLPVRYMTTAVNVTHSGTEIVDLMC
HATFTSRLLQPIRVPNYNLNIMDEAHFTDPSSIAARGYISTRVEMGEAAAIFMTATPPGTRDAFPDSNSPIMDTEVEVPE
RAWSSGFDWVTDHSGKTVWFVPSVRNGNEIAACLTKAGKRVIQLSRKTFETEFQKTKNQEWDFVITTDISEMGANFKADR
VIDSRRCLKPVILDGERVILAGPMPVTHASAAQRRGRIGRNPNKPGDEYMYGGGCAETDEGHAHWLEARMLLDNIYLQDG
LIASLYRPEADKVAAIEGEFKLRTEQRKTFVELMKRGDLPVWLAYQVASAGITYTDRRWCFDGTTNNTIMEDSVPAEVWT
KYGEKRVLKPRWMDARVCSDHAALKSFKEFAAGKR
;
_entity_poly.pdbx_strand_id   A
#
loop_
_chem_comp.id
_chem_comp.type
_chem_comp.name
_chem_comp.formula
EDO non-polymer 1,2-ETHANEDIOL 'C2 H6 O2'
MPD non-polymer (4S)-2-METHYL-2,4-PENTANEDIOL 'C6 H14 O2'
PO4 non-polymer 'PHOSPHATE ION' 'O4 P -3'
#
# COMPACT_ATOMS: atom_id res chain seq x y z
N MET A 1 20.41 17.47 6.77
CA MET A 1 19.62 16.25 6.66
C MET A 1 20.48 15.04 6.32
N LEU A 2 21.52 15.28 5.53
CA LEU A 2 22.27 14.21 4.88
C LEU A 2 23.39 13.65 5.75
N LYS A 3 23.66 14.26 6.90
CA LYS A 3 24.68 13.73 7.81
C LYS A 3 24.25 12.38 8.37
N LYS A 4 25.23 11.53 8.64
CA LYS A 4 24.96 10.19 9.15
C LYS A 4 24.21 10.25 10.47
N LYS A 5 23.50 9.17 10.78
CA LYS A 5 22.74 8.96 12.01
C LYS A 5 21.55 9.91 12.15
N GLN A 6 21.17 10.61 11.09
CA GLN A 6 20.05 11.54 11.12
C GLN A 6 18.89 10.98 10.31
N LEU A 7 17.72 10.90 10.94
CA LEU A 7 16.47 10.61 10.26
C LEU A 7 15.63 11.87 10.28
N THR A 8 15.35 12.42 9.10
CA THR A 8 14.58 13.65 8.97
C THR A 8 13.18 13.32 8.45
N VAL A 9 12.17 13.82 9.14
CA VAL A 9 10.78 13.70 8.68
C VAL A 9 10.46 14.98 7.92
N LEU A 10 10.41 14.88 6.59
CA LEU A 10 10.05 16.01 5.72
C LEU A 10 8.52 16.04 5.64
N ASP A 11 7.90 16.84 6.50
CA ASP A 11 6.46 16.82 6.68
C ASP A 11 5.80 18.11 6.21
N LEU A 12 6.26 18.66 5.10
CA LEU A 12 5.55 19.75 4.46
C LEU A 12 4.16 19.27 4.03
N HIS A 13 3.20 20.20 4.02
CA HIS A 13 1.81 19.85 3.77
C HIS A 13 1.65 19.27 2.37
N PRO A 14 0.54 18.56 2.11
CA PRO A 14 0.36 17.95 0.79
C PRO A 14 0.38 18.99 -0.32
N GLY A 15 1.12 18.67 -1.39
CA GLY A 15 1.25 19.58 -2.51
C GLY A 15 2.26 20.69 -2.33
N ALA A 16 3.04 20.67 -1.24
CA ALA A 16 4.02 21.73 -1.00
C ALA A 16 5.28 21.59 -1.86
N GLY A 17 5.41 20.52 -2.62
CA GLY A 17 6.53 20.34 -3.51
C GLY A 17 7.66 19.47 -2.98
N LYS A 18 7.38 18.53 -2.09
CA LYS A 18 8.44 17.67 -1.57
C LYS A 18 9.08 16.84 -2.68
N THR A 19 8.27 16.37 -3.63
CA THR A 19 8.77 15.45 -4.65
C THR A 19 9.43 16.18 -5.82
N ARG A 20 8.80 17.24 -6.32
CA ARG A 20 9.28 17.89 -7.53
C ARG A 20 10.22 19.07 -7.27
N ARG A 21 10.23 19.60 -6.04
CA ARG A 21 11.13 20.70 -5.70
C ARG A 21 12.21 20.30 -4.72
N VAL A 22 11.85 19.66 -3.60
CA VAL A 22 12.83 19.36 -2.57
C VAL A 22 13.68 18.15 -2.95
N LEU A 23 13.03 17.08 -3.42
CA LEU A 23 13.76 15.86 -3.73
C LEU A 23 14.89 16.04 -4.75
N PRO A 24 14.72 16.79 -5.84
CA PRO A 24 15.87 16.99 -6.75
C PRO A 24 17.04 17.68 -6.07
N GLU A 25 16.78 18.65 -5.18
CA GLU A 25 17.85 19.32 -4.46
C GLU A 25 18.58 18.34 -3.54
N ILE A 26 17.83 17.46 -2.88
CA ILE A 26 18.44 16.45 -2.02
C ILE A 26 19.35 15.53 -2.85
N VAL A 27 18.87 15.10 -4.00
CA VAL A 27 19.65 14.19 -4.84
C VAL A 27 20.92 14.86 -5.33
N ARG A 28 20.82 16.12 -5.77
CA ARG A 28 22.00 16.85 -6.21
C ARG A 28 23.03 16.94 -5.10
N GLU A 29 22.59 17.20 -3.87
CA GLU A 29 23.53 17.30 -2.76
C GLU A 29 24.12 15.94 -2.41
N ALA A 30 23.31 14.88 -2.49
CA ALA A 30 23.83 13.54 -2.20
C ALA A 30 24.86 13.11 -3.24
N ILE A 31 24.62 13.44 -4.52
CA ILE A 31 25.59 13.13 -5.56
C ILE A 31 26.88 13.92 -5.33
N LYS A 32 26.74 15.20 -4.96
CA LYS A 32 27.92 16.02 -4.68
C LYS A 32 28.74 15.45 -3.54
N LYS A 33 28.08 14.92 -2.51
CA LYS A 33 28.76 14.37 -1.35
C LYS A 33 29.12 12.89 -1.53
N ARG A 34 28.90 12.33 -2.71
CA ARG A 34 29.18 10.93 -3.01
C ARG A 34 28.49 10.00 -2.00
N LEU A 35 27.22 10.28 -1.75
CA LEU A 35 26.40 9.45 -0.87
C LEU A 35 25.64 8.44 -1.72
N ARG A 36 25.93 7.15 -1.50
CA ARG A 36 25.13 6.11 -2.12
C ARG A 36 23.70 6.22 -1.62
N THR A 37 22.78 6.51 -2.53
CA THR A 37 21.43 6.92 -2.18
C THR A 37 20.40 5.99 -2.80
N VAL A 38 19.36 5.66 -2.03
CA VAL A 38 18.19 4.96 -2.54
C VAL A 38 16.98 5.85 -2.38
N ILE A 39 16.14 5.89 -3.42
CA ILE A 39 14.87 6.60 -3.40
C ILE A 39 13.77 5.56 -3.55
N LEU A 40 12.78 5.60 -2.64
CA LEU A 40 11.75 4.58 -2.56
C LEU A 40 10.40 5.20 -2.90
N ALA A 41 9.81 4.76 -4.02
CA ALA A 41 8.50 5.17 -4.52
C ALA A 41 7.44 4.16 -4.06
N PRO A 42 6.27 4.62 -3.64
CA PRO A 42 5.23 3.65 -3.22
C PRO A 42 4.75 2.78 -4.37
N THR A 43 4.61 3.35 -5.56
CA THR A 43 4.02 2.67 -6.70
C THR A 43 4.84 2.94 -7.94
N ARG A 44 4.60 2.13 -8.98
CA ARG A 44 5.23 2.36 -10.27
CA ARG A 44 5.24 2.37 -10.26
C ARG A 44 4.76 3.68 -10.89
N VAL A 45 3.52 4.07 -10.60
CA VAL A 45 3.00 5.34 -11.10
C VAL A 45 3.80 6.51 -10.54
N VAL A 46 4.08 6.47 -9.24
CA VAL A 46 4.86 7.54 -8.61
C VAL A 46 6.30 7.50 -9.10
N ALA A 47 6.84 6.29 -9.32
CA ALA A 47 8.21 6.17 -9.81
C ALA A 47 8.37 6.87 -11.15
N ALA A 48 7.41 6.70 -12.05
CA ALA A 48 7.46 7.39 -13.34
C ALA A 48 7.42 8.90 -13.15
N GLU A 49 6.60 9.39 -12.21
CA GLU A 49 6.57 10.82 -11.92
C GLU A 49 7.91 11.32 -11.40
N MET A 50 8.62 10.48 -10.64
CA MET A 50 9.91 10.90 -10.09
C MET A 50 10.95 11.09 -11.18
N GLU A 51 10.93 10.21 -12.19
CA GLU A 51 11.86 10.37 -13.30
C GLU A 51 11.66 11.71 -14.00
N GLU A 52 10.40 12.17 -14.08
CA GLU A 52 10.14 13.48 -14.64
C GLU A 52 10.71 14.59 -13.76
N ALA A 53 10.58 14.43 -12.44
CA ALA A 53 11.12 15.44 -11.53
C ALA A 53 12.64 15.37 -11.47
N LEU A 54 13.22 14.18 -11.59
CA LEU A 54 14.66 13.97 -11.51
C LEU A 54 15.31 13.88 -12.88
N ARG A 55 14.64 14.35 -13.93
CA ARG A 55 15.13 14.15 -15.29
C ARG A 55 16.45 14.89 -15.50
N GLY A 56 17.41 14.20 -16.12
CA GLY A 56 18.75 14.70 -16.31
C GLY A 56 19.72 14.25 -15.23
N LEU A 57 19.23 14.07 -14.00
CA LEU A 57 20.08 13.61 -12.92
C LEU A 57 20.47 12.14 -13.13
N PRO A 58 21.69 11.76 -12.75
CA PRO A 58 22.10 10.36 -12.90
C PRO A 58 21.43 9.46 -11.87
N VAL A 59 20.26 8.93 -12.21
CA VAL A 59 19.50 8.06 -11.32
C VAL A 59 19.30 6.72 -12.02
N ARG A 60 19.61 5.64 -11.32
CA ARG A 60 19.41 4.28 -11.82
C ARG A 60 18.01 3.83 -11.42
N TYR A 61 17.14 3.64 -12.41
CA TYR A 61 15.74 3.32 -12.18
C TYR A 61 15.57 1.81 -12.21
N MET A 62 15.45 1.20 -11.03
CA MET A 62 15.29 -0.25 -10.91
C MET A 62 13.82 -0.63 -10.91
N THR A 63 13.19 -0.34 -12.05
CA THR A 63 11.78 -0.61 -12.29
C THR A 63 11.54 -0.51 -13.78
N THR A 64 10.76 -1.46 -14.32
CA THR A 64 10.43 -1.41 -15.74
C THR A 64 9.42 -0.31 -16.06
N ALA A 65 8.86 0.35 -15.05
CA ALA A 65 7.95 1.47 -15.28
C ALA A 65 8.64 2.69 -15.85
N VAL A 66 9.97 2.69 -15.93
CA VAL A 66 10.74 3.81 -16.48
C VAL A 66 11.61 3.27 -17.60
N ASN A 67 11.37 3.76 -18.82
CA ASN A 67 12.11 3.32 -20.01
C ASN A 67 13.21 4.33 -20.28
N VAL A 68 14.37 4.12 -19.65
CA VAL A 68 15.54 4.96 -19.85
C VAL A 68 16.78 4.08 -19.97
N THR A 69 17.75 4.55 -20.77
CA THR A 69 19.04 3.90 -20.87
C THR A 69 19.99 4.53 -19.86
N HIS A 70 20.64 3.70 -19.04
CA HIS A 70 21.37 4.19 -17.89
C HIS A 70 22.83 4.45 -18.19
N SER A 71 23.38 5.43 -17.47
CA SER A 71 24.79 5.77 -17.61
C SER A 71 25.72 4.66 -17.14
N GLY A 72 25.25 3.76 -16.27
CA GLY A 72 26.11 2.80 -15.62
C GLY A 72 26.91 3.35 -14.46
N THR A 73 27.13 4.67 -14.39
CA THR A 73 27.89 5.31 -13.33
C THR A 73 26.99 6.01 -12.32
N GLU A 74 25.76 5.54 -12.14
CA GLU A 74 24.86 6.15 -11.18
C GLU A 74 25.12 5.62 -9.78
N ILE A 75 25.11 6.51 -8.79
CA ILE A 75 25.19 6.14 -7.39
C ILE A 75 23.88 6.37 -6.66
N VAL A 76 22.83 6.76 -7.38
CA VAL A 76 21.48 6.90 -6.83
C VAL A 76 20.60 5.83 -7.45
N ASP A 77 19.91 5.06 -6.62
CA ASP A 77 18.99 4.03 -7.07
C ASP A 77 17.56 4.44 -6.74
N LEU A 78 16.65 4.18 -7.68
CA LEU A 78 15.24 4.41 -7.47
C LEU A 78 14.49 3.09 -7.67
N MET A 79 13.67 2.74 -6.70
CA MET A 79 12.88 1.51 -6.75
C MET A 79 11.65 1.68 -5.86
N CYS A 80 10.72 0.76 -5.99
CA CYS A 80 9.50 0.82 -5.20
C CYS A 80 9.78 0.35 -3.77
N HIS A 81 8.91 0.78 -2.84
CA HIS A 81 8.98 0.32 -1.46
C HIS A 81 9.06 -1.20 -1.40
N ALA A 82 8.13 -1.88 -2.08
CA ALA A 82 8.07 -3.34 -2.05
C ALA A 82 9.33 -3.97 -2.61
N THR A 83 9.90 -3.37 -3.65
CA THR A 83 11.12 -3.90 -4.25
C THR A 83 12.27 -3.88 -3.24
N PHE A 84 12.43 -2.78 -2.51
CA PHE A 84 13.48 -2.67 -1.52
C PHE A 84 13.41 -3.80 -0.50
N THR A 85 12.22 -4.01 0.08
CA THR A 85 12.04 -5.05 1.08
C THR A 85 12.19 -6.43 0.47
N SER A 86 11.69 -6.63 -0.75
CA SER A 86 11.84 -7.91 -1.42
C SER A 86 13.30 -8.27 -1.61
N ARG A 87 14.11 -7.31 -2.07
CA ARG A 87 15.52 -7.58 -2.29
C ARG A 87 16.27 -7.79 -0.98
N LEU A 88 15.85 -7.13 0.10
CA LEU A 88 16.43 -7.43 1.40
C LEU A 88 16.18 -8.88 1.80
N LEU A 89 14.99 -9.39 1.50
CA LEU A 89 14.61 -10.75 1.91
C LEU A 89 15.28 -11.82 1.06
N GLN A 90 15.55 -11.52 -0.21
CA GLN A 90 16.08 -12.52 -1.12
C GLN A 90 17.60 -12.66 -0.95
N PRO A 91 18.19 -13.77 -1.43
CA PRO A 91 19.66 -13.91 -1.38
C PRO A 91 20.35 -13.04 -2.43
N ILE A 92 20.21 -11.73 -2.27
CA ILE A 92 20.70 -10.75 -3.23
C ILE A 92 21.39 -9.63 -2.47
N ARG A 93 22.52 -9.18 -2.98
CA ARG A 93 23.28 -8.10 -2.38
C ARG A 93 22.51 -6.79 -2.53
N VAL A 94 22.20 -6.16 -1.41
CA VAL A 94 21.62 -4.82 -1.37
C VAL A 94 22.69 -3.89 -0.81
N PRO A 95 23.04 -2.81 -1.51
CA PRO A 95 24.05 -1.89 -0.97
C PRO A 95 23.59 -1.29 0.34
N ASN A 96 24.55 -1.05 1.22
CA ASN A 96 24.27 -0.34 2.47
C ASN A 96 24.23 1.15 2.14
N TYR A 97 23.06 1.62 1.72
CA TYR A 97 22.90 2.98 1.26
C TYR A 97 23.21 3.98 2.37
N ASN A 98 24.04 4.98 2.06
CA ASN A 98 24.36 6.00 3.05
C ASN A 98 23.18 6.94 3.29
N LEU A 99 22.31 7.09 2.29
CA LEU A 99 21.14 7.95 2.41
C LEU A 99 19.93 7.18 1.89
N ASN A 100 18.88 7.12 2.70
CA ASN A 100 17.67 6.37 2.38
C ASN A 100 16.50 7.34 2.35
N ILE A 101 15.96 7.58 1.15
CA ILE A 101 14.85 8.50 0.95
C ILE A 101 13.61 7.68 0.62
N MET A 102 12.57 7.80 1.45
CA MET A 102 11.29 7.16 1.18
C MET A 102 10.25 8.25 0.94
N ASP A 103 9.73 8.31 -0.27
CA ASP A 103 8.63 9.20 -0.58
C ASP A 103 7.31 8.54 -0.24
N GLU A 104 6.30 9.37 0.05
CA GLU A 104 5.00 8.89 0.51
C GLU A 104 5.17 7.88 1.64
N ALA A 105 5.98 8.28 2.63
CA ALA A 105 6.42 7.39 3.69
C ALA A 105 5.32 7.04 4.69
N HIS A 106 4.08 7.48 4.46
CA HIS A 106 2.97 7.08 5.31
C HIS A 106 2.36 5.75 4.88
N PHE A 107 2.74 5.22 3.73
CA PHE A 107 2.24 3.95 3.21
C PHE A 107 2.30 2.87 4.28
N THR A 108 1.16 2.25 4.57
CA THR A 108 1.04 1.27 5.64
C THR A 108 0.95 -0.17 5.14
N ASP A 109 1.30 -0.42 3.88
CA ASP A 109 1.41 -1.80 3.44
C ASP A 109 2.60 -2.46 4.15
N PRO A 110 2.54 -3.79 4.35
CA PRO A 110 3.57 -4.44 5.18
C PRO A 110 5.00 -4.20 4.70
N SER A 111 5.24 -4.24 3.39
CA SER A 111 6.60 -4.03 2.89
C SER A 111 7.09 -2.61 3.13
N SER A 112 6.17 -1.64 3.18
CA SER A 112 6.57 -0.27 3.47
C SER A 112 6.91 -0.09 4.93
N ILE A 113 6.10 -0.67 5.83
CA ILE A 113 6.41 -0.62 7.26
C ILE A 113 7.75 -1.30 7.53
N ALA A 114 7.99 -2.44 6.89
CA ALA A 114 9.26 -3.15 7.10
C ALA A 114 10.43 -2.32 6.61
N ALA A 115 10.29 -1.68 5.44
CA ALA A 115 11.35 -0.82 4.93
C ALA A 115 11.66 0.31 5.90
N ARG A 116 10.62 0.92 6.49
CA ARG A 116 10.84 1.99 7.45
C ARG A 116 11.56 1.46 8.69
N GLY A 117 11.21 0.25 9.14
CA GLY A 117 11.87 -0.30 10.31
C GLY A 117 13.32 -0.63 10.06
N TYR A 118 13.62 -1.27 8.93
CA TYR A 118 15.00 -1.58 8.57
C TYR A 118 15.82 -0.30 8.42
N ILE A 119 15.27 0.70 7.76
CA ILE A 119 16.02 1.94 7.52
C ILE A 119 16.27 2.68 8.83
N SER A 120 15.23 2.84 9.64
CA SER A 120 15.39 3.58 10.90
C SER A 120 16.32 2.86 11.86
N THR A 121 16.41 1.53 11.76
CA THR A 121 17.36 0.81 12.60
C THR A 121 18.80 1.10 12.17
N ARG A 122 19.07 1.11 10.86
CA ARG A 122 20.40 1.42 10.38
C ARG A 122 20.80 2.84 10.75
N VAL A 123 19.84 3.77 10.73
CA VAL A 123 20.12 5.13 11.18
C VAL A 123 20.42 5.13 12.67
N GLU A 124 19.58 4.46 13.46
CA GLU A 124 19.80 4.39 14.91
C GLU A 124 21.15 3.77 15.23
N MET A 125 21.62 2.84 14.42
CA MET A 125 22.94 2.25 14.62
C MET A 125 24.07 3.19 14.21
N GLY A 126 23.75 4.35 13.64
CA GLY A 126 24.77 5.27 13.19
C GLY A 126 25.40 4.93 11.86
N GLU A 127 24.71 4.13 11.04
CA GLU A 127 25.27 3.65 9.79
C GLU A 127 24.80 4.41 8.57
N ALA A 128 23.72 5.17 8.67
CA ALA A 128 23.15 5.80 7.49
C ALA A 128 22.31 7.00 7.90
N ALA A 129 21.90 7.77 6.90
CA ALA A 129 20.93 8.85 7.06
C ALA A 129 19.64 8.47 6.34
N ALA A 130 18.53 9.08 6.77
CA ALA A 130 17.25 8.75 6.19
C ALA A 130 16.37 10.00 6.12
N ILE A 131 15.55 10.07 5.09
CA ILE A 131 14.56 11.12 4.92
C ILE A 131 13.23 10.46 4.58
N PHE A 132 12.25 10.62 5.47
CA PHE A 132 10.89 10.15 5.23
C PHE A 132 10.05 11.34 4.78
N MET A 133 9.53 11.26 3.56
CA MET A 133 8.75 12.35 2.97
C MET A 133 7.28 12.01 3.04
N THR A 134 6.55 12.70 3.93
CA THR A 134 5.11 12.58 4.01
C THR A 134 4.56 13.71 4.88
N ALA A 135 3.44 14.29 4.44
CA ALA A 135 2.76 15.29 5.25
C ALA A 135 2.15 14.68 6.50
N THR A 136 1.94 13.36 6.53
CA THR A 136 1.22 12.68 7.60
C THR A 136 2.08 11.58 8.20
N PRO A 137 3.07 11.93 9.01
CA PRO A 137 3.90 10.91 9.66
C PRO A 137 3.07 10.05 10.60
N PRO A 138 3.59 8.88 11.01
CA PRO A 138 2.79 7.99 11.87
C PRO A 138 2.41 8.66 13.17
N GLY A 139 1.13 8.56 13.52
CA GLY A 139 0.62 9.11 14.75
C GLY A 139 0.05 10.50 14.66
N THR A 140 0.01 11.10 13.47
CA THR A 140 -0.54 12.44 13.33
C THR A 140 -2.02 12.45 13.68
N ARG A 141 -2.45 13.55 14.29
CA ARG A 141 -3.82 13.71 14.75
C ARG A 141 -4.60 14.75 13.96
N ASP A 142 -4.01 15.28 12.88
CA ASP A 142 -4.59 16.38 12.12
C ASP A 142 -5.12 15.84 10.80
N ALA A 143 -6.44 15.74 10.69
CA ALA A 143 -7.07 15.31 9.45
C ALA A 143 -7.22 16.41 8.43
N PHE A 144 -6.98 17.67 8.81
CA PHE A 144 -7.19 18.83 7.94
C PHE A 144 -5.94 19.69 7.85
N PRO A 145 -4.85 19.17 7.27
CA PRO A 145 -3.63 19.97 7.18
C PRO A 145 -3.77 21.09 6.15
N ASP A 146 -2.74 21.93 6.11
CA ASP A 146 -2.69 23.04 5.17
C ASP A 146 -2.70 22.52 3.73
N SER A 147 -3.13 23.39 2.82
CA SER A 147 -3.19 23.05 1.40
C SER A 147 -2.78 24.28 0.58
N ASN A 148 -2.53 24.05 -0.71
CA ASN A 148 -2.08 25.14 -1.58
C ASN A 148 -3.17 26.17 -1.80
N SER A 149 -4.44 25.78 -1.70
CA SER A 149 -5.57 26.68 -1.81
C SER A 149 -6.65 26.21 -0.85
N PRO A 150 -7.53 27.11 -0.40
CA PRO A 150 -8.53 26.73 0.61
C PRO A 150 -9.42 25.59 0.15
N ILE A 151 -9.83 24.76 1.12
CA ILE A 151 -10.70 23.63 0.90
C ILE A 151 -11.98 23.84 1.68
N MET A 152 -13.12 23.52 1.07
CA MET A 152 -14.41 23.51 1.77
C MET A 152 -14.62 22.13 2.37
N ASP A 153 -14.50 22.03 3.70
CA ASP A 153 -14.72 20.78 4.40
C ASP A 153 -16.17 20.72 4.87
N THR A 154 -16.85 19.61 4.54
CA THR A 154 -18.26 19.43 4.90
C THR A 154 -18.46 18.00 5.38
N GLU A 155 -18.92 17.86 6.62
CA GLU A 155 -19.36 16.56 7.12
C GLU A 155 -20.75 16.27 6.58
N VAL A 156 -20.91 15.10 5.95
CA VAL A 156 -22.13 14.77 5.24
C VAL A 156 -22.25 13.26 5.17
N GLU A 157 -23.49 12.78 5.14
CA GLU A 157 -23.73 11.34 4.96
C GLU A 157 -23.35 10.95 3.54
N VAL A 158 -22.46 9.97 3.42
CA VAL A 158 -21.91 9.53 2.13
C VAL A 158 -22.47 8.14 1.83
N PRO A 159 -23.02 7.90 0.65
CA PRO A 159 -23.53 6.57 0.32
C PRO A 159 -22.42 5.54 0.32
N GLU A 160 -22.73 4.35 0.85
CA GLU A 160 -21.87 3.19 0.71
C GLU A 160 -22.57 2.07 -0.03
N ARG A 161 -23.76 2.34 -0.56
CA ARG A 161 -24.52 1.40 -1.39
C ARG A 161 -25.14 2.20 -2.52
N ALA A 162 -25.79 1.50 -3.44
CA ALA A 162 -26.57 2.17 -4.46
C ALA A 162 -27.70 2.97 -3.81
N TRP A 163 -28.04 4.09 -4.43
CA TRP A 163 -29.09 4.96 -3.90
C TRP A 163 -29.99 5.41 -5.04
N SER A 164 -31.25 5.67 -4.70
CA SER A 164 -32.21 6.22 -5.64
C SER A 164 -32.60 7.66 -5.33
N SER A 165 -32.45 8.09 -4.08
CA SER A 165 -32.84 9.43 -3.66
C SER A 165 -32.05 9.79 -2.41
N GLY A 166 -32.06 11.08 -2.09
CA GLY A 166 -31.47 11.57 -0.85
C GLY A 166 -30.02 12.00 -0.94
N PHE A 167 -29.39 11.89 -2.10
CA PHE A 167 -27.99 12.27 -2.26
C PHE A 167 -27.79 13.06 -3.54
N ASP A 168 -28.71 14.01 -3.81
CA ASP A 168 -28.65 14.77 -5.05
C ASP A 168 -27.33 15.52 -5.21
N TRP A 169 -26.72 15.94 -4.10
CA TRP A 169 -25.47 16.69 -4.17
C TRP A 169 -24.35 15.87 -4.80
N VAL A 170 -24.42 14.55 -4.75
CA VAL A 170 -23.38 13.72 -5.33
C VAL A 170 -23.37 13.84 -6.84
N THR A 171 -24.55 13.74 -7.47
CA THR A 171 -24.65 13.71 -8.92
C THR A 171 -24.91 15.07 -9.55
N ASP A 172 -25.37 16.06 -8.78
CA ASP A 172 -25.58 17.40 -9.32
C ASP A 172 -24.27 18.12 -9.60
N HIS A 173 -23.14 17.60 -9.11
CA HIS A 173 -21.85 18.23 -9.31
C HIS A 173 -21.41 18.10 -10.78
N SER A 174 -20.77 19.15 -11.29
CA SER A 174 -20.34 19.19 -12.68
C SER A 174 -18.83 19.00 -12.86
N GLY A 175 -18.05 19.08 -11.78
CA GLY A 175 -16.62 18.88 -11.86
C GLY A 175 -16.24 17.41 -11.91
N LYS A 176 -15.05 17.11 -11.36
CA LYS A 176 -14.53 15.75 -11.30
C LYS A 176 -14.31 15.38 -9.85
N THR A 177 -14.76 14.18 -9.47
CA THR A 177 -14.78 13.75 -8.08
C THR A 177 -13.92 12.52 -7.89
N VAL A 178 -13.11 12.53 -6.82
CA VAL A 178 -12.37 11.36 -6.37
C VAL A 178 -13.06 10.84 -5.12
N TRP A 179 -13.54 9.61 -5.17
CA TRP A 179 -14.39 9.03 -4.14
C TRP A 179 -13.67 7.86 -3.51
N PHE A 180 -13.33 7.98 -2.22
CA PHE A 180 -12.63 6.93 -1.49
C PHE A 180 -13.65 6.00 -0.82
N VAL A 181 -13.64 4.73 -1.22
CA VAL A 181 -14.61 3.75 -0.74
C VAL A 181 -13.91 2.76 0.17
N PRO A 182 -14.64 2.03 1.03
CA PRO A 182 -13.96 1.12 1.97
C PRO A 182 -13.40 -0.14 1.33
N SER A 183 -13.91 -0.56 0.18
CA SER A 183 -13.47 -1.83 -0.41
C SER A 183 -13.74 -1.81 -1.91
N VAL A 184 -13.11 -2.76 -2.60
CA VAL A 184 -13.35 -2.92 -4.03
C VAL A 184 -14.83 -3.22 -4.28
N ARG A 185 -15.40 -4.16 -3.52
CA ARG A 185 -16.80 -4.54 -3.72
C ARG A 185 -17.74 -3.37 -3.47
N ASN A 186 -17.47 -2.58 -2.43
CA ASN A 186 -18.27 -1.38 -2.19
CA ASN A 186 -18.27 -1.39 -2.19
C ASN A 186 -18.15 -0.41 -3.35
N GLY A 187 -16.95 -0.22 -3.88
CA GLY A 187 -16.76 0.66 -5.01
C GLY A 187 -17.46 0.17 -6.26
N ASN A 188 -17.54 -1.15 -6.44
CA ASN A 188 -18.25 -1.71 -7.59
C ASN A 188 -19.71 -1.30 -7.58
N GLU A 189 -20.36 -1.38 -6.42
CA GLU A 189 -21.78 -1.04 -6.34
C GLU A 189 -22.01 0.45 -6.55
N ILE A 190 -21.14 1.29 -5.98
CA ILE A 190 -21.27 2.73 -6.18
C ILE A 190 -20.98 3.10 -7.63
N ALA A 191 -19.94 2.50 -8.21
CA ALA A 191 -19.61 2.79 -9.61
C ALA A 191 -20.76 2.40 -10.54
N ALA A 192 -21.35 1.22 -10.30
CA ALA A 192 -22.48 0.80 -11.12
C ALA A 192 -23.67 1.74 -10.97
N CYS A 193 -23.87 2.27 -9.76
CA CYS A 193 -24.95 3.22 -9.53
C CYS A 193 -24.69 4.54 -10.25
N LEU A 194 -23.44 5.02 -10.22
CA LEU A 194 -23.11 6.27 -10.88
C LEU A 194 -23.19 6.13 -12.40
N THR A 195 -22.73 4.99 -12.94
CA THR A 195 -22.81 4.79 -14.38
C THR A 195 -24.26 4.73 -14.85
N LYS A 196 -25.13 4.09 -14.07
CA LYS A 196 -26.55 4.08 -14.39
C LYS A 196 -27.12 5.50 -14.42
N ALA A 197 -26.57 6.41 -13.62
CA ALA A 197 -26.97 7.80 -13.61
C ALA A 197 -26.32 8.62 -14.70
N GLY A 198 -25.58 7.98 -15.62
CA GLY A 198 -24.97 8.68 -16.73
C GLY A 198 -23.57 9.20 -16.48
N LYS A 199 -22.94 8.82 -15.36
CA LYS A 199 -21.59 9.27 -15.06
C LYS A 199 -20.58 8.27 -15.59
N ARG A 200 -19.44 8.78 -16.05
CA ARG A 200 -18.33 7.95 -16.49
C ARG A 200 -17.39 7.74 -15.32
N VAL A 201 -17.16 6.47 -14.96
CA VAL A 201 -16.48 6.10 -13.73
C VAL A 201 -15.22 5.31 -14.06
N ILE A 202 -14.14 5.62 -13.35
CA ILE A 202 -12.92 4.82 -13.34
C ILE A 202 -12.72 4.27 -11.94
N GLN A 203 -12.39 2.99 -11.83
CA GLN A 203 -12.19 2.34 -10.54
C GLN A 203 -10.72 1.99 -10.37
N LEU A 204 -10.18 2.30 -9.18
CA LEU A 204 -8.80 2.03 -8.85
C LEU A 204 -8.72 1.14 -7.61
N SER A 205 -7.86 0.13 -7.68
CA SER A 205 -7.50 -0.67 -6.52
C SER A 205 -6.03 -1.05 -6.67
N ARG A 206 -5.50 -1.75 -5.68
CA ARG A 206 -4.07 -2.07 -5.66
C ARG A 206 -3.67 -2.90 -6.89
N LYS A 207 -4.46 -3.92 -7.21
CA LYS A 207 -4.08 -4.83 -8.29
C LYS A 207 -4.16 -4.18 -9.66
N THR A 208 -5.09 -3.23 -9.85
CA THR A 208 -5.33 -2.62 -11.15
C THR A 208 -4.75 -1.23 -11.26
N PHE A 209 -3.96 -0.78 -10.28
CA PHE A 209 -3.72 0.64 -10.10
C PHE A 209 -3.04 1.26 -11.32
N GLU A 210 -1.86 0.76 -11.70
CA GLU A 210 -1.09 1.42 -12.74
C GLU A 210 -1.84 1.43 -14.08
N THR A 211 -2.44 0.31 -14.45
CA THR A 211 -3.15 0.23 -15.72
C THR A 211 -4.38 1.15 -15.70
N GLU A 212 -5.15 1.11 -14.60
CA GLU A 212 -6.37 1.90 -14.55
C GLU A 212 -6.09 3.38 -14.30
N PHE A 213 -5.00 3.71 -13.60
CA PHE A 213 -4.70 5.12 -13.35
C PHE A 213 -4.41 5.87 -14.64
N GLN A 214 -3.82 5.19 -15.63
CA GLN A 214 -3.57 5.83 -16.93
C GLN A 214 -4.86 6.34 -17.54
N LYS A 215 -5.99 5.67 -17.27
CA LYS A 215 -7.27 6.12 -17.81
C LYS A 215 -7.65 7.50 -17.31
N THR A 216 -7.22 7.88 -16.10
CA THR A 216 -7.55 9.19 -15.57
C THR A 216 -6.90 10.31 -16.38
N LYS A 217 -5.86 10.00 -17.15
CA LYS A 217 -5.23 10.97 -18.04
C LYS A 217 -5.63 10.81 -19.49
N ASN A 218 -6.00 9.60 -19.91
CA ASN A 218 -6.25 9.32 -21.32
C ASN A 218 -7.71 9.44 -21.73
N GLN A 219 -8.64 9.42 -20.78
CA GLN A 219 -10.05 9.56 -21.13
C GLN A 219 -10.72 10.50 -20.15
N GLU A 220 -11.84 11.08 -20.61
CA GLU A 220 -12.63 11.96 -19.76
C GLU A 220 -13.43 11.13 -18.76
N TRP A 221 -13.44 11.60 -17.52
CA TRP A 221 -14.16 10.89 -16.46
C TRP A 221 -14.89 11.90 -15.59
N ASP A 222 -15.94 11.42 -14.93
CA ASP A 222 -16.68 12.20 -13.95
C ASP A 222 -16.32 11.82 -12.52
N PHE A 223 -16.12 10.53 -12.27
CA PHE A 223 -15.80 10.01 -10.95
C PHE A 223 -14.62 9.04 -11.04
N VAL A 224 -13.74 9.10 -10.05
CA VAL A 224 -12.79 8.04 -9.78
C VAL A 224 -13.20 7.39 -8.47
N ILE A 225 -13.51 6.10 -8.52
CA ILE A 225 -13.81 5.32 -7.33
C ILE A 225 -12.56 4.54 -6.96
N THR A 226 -12.00 4.80 -5.78
CA THR A 226 -10.72 4.21 -5.41
C THR A 226 -10.75 3.76 -3.96
N THR A 227 -10.00 2.70 -3.68
CA THR A 227 -9.71 2.31 -2.31
C THR A 227 -8.63 3.24 -1.75
N ASP A 228 -8.09 2.89 -0.59
CA ASP A 228 -7.09 3.71 0.09
C ASP A 228 -5.78 3.82 -0.68
N ILE A 229 -5.58 3.03 -1.73
CA ILE A 229 -4.31 3.05 -2.45
C ILE A 229 -4.03 4.43 -3.04
N SER A 230 -5.06 5.22 -3.33
CA SER A 230 -4.86 6.55 -3.87
C SER A 230 -4.39 7.55 -2.82
N GLU A 231 -4.22 7.14 -1.57
CA GLU A 231 -3.58 7.98 -0.55
C GLU A 231 -2.09 8.12 -0.78
N MET A 232 -1.52 7.39 -1.74
CA MET A 232 -0.06 7.27 -1.88
C MET A 232 0.43 8.07 -3.09
N GLY A 233 0.12 9.37 -3.09
CA GLY A 233 0.68 10.27 -4.06
C GLY A 233 0.03 10.27 -5.42
N ALA A 234 -1.01 9.47 -5.63
CA ALA A 234 -1.76 9.55 -6.88
C ALA A 234 -2.43 10.91 -6.98
N ASN A 235 -2.23 11.58 -8.11
CA ASN A 235 -2.73 12.94 -8.30
C ASN A 235 -3.73 12.98 -9.45
N PHE A 236 -4.81 13.71 -9.22
CA PHE A 236 -5.89 13.85 -10.20
C PHE A 236 -6.18 15.32 -10.43
N LYS A 237 -6.80 15.61 -11.56
CA LYS A 237 -7.27 16.98 -11.85
C LYS A 237 -8.73 17.06 -11.42
N ALA A 238 -8.93 17.01 -10.11
CA ALA A 238 -10.26 16.99 -9.52
C ALA A 238 -10.53 18.27 -8.75
N ASP A 239 -11.81 18.55 -8.52
CA ASP A 239 -12.22 19.67 -7.69
C ASP A 239 -13.07 19.23 -6.50
N ARG A 240 -13.23 17.92 -6.28
CA ARG A 240 -13.97 17.43 -5.14
C ARG A 240 -13.48 16.05 -4.76
N VAL A 241 -13.36 15.82 -3.45
CA VAL A 241 -13.10 14.50 -2.90
C VAL A 241 -14.29 14.13 -2.02
N ILE A 242 -14.92 13.01 -2.32
CA ILE A 242 -15.92 12.40 -1.44
C ILE A 242 -15.23 11.30 -0.65
N ASP A 243 -15.32 11.37 0.66
CA ASP A 243 -14.58 10.44 1.52
C ASP A 243 -15.56 9.74 2.45
N SER A 244 -15.74 8.43 2.24
CA SER A 244 -16.52 7.63 3.18
C SER A 244 -15.89 7.64 4.57
N ARG A 245 -14.59 7.98 4.66
CA ARG A 245 -13.84 7.97 5.91
C ARG A 245 -13.79 6.56 6.52
N ARG A 246 -13.92 5.53 5.68
CA ARG A 246 -13.99 4.16 6.15
C ARG A 246 -13.00 3.29 5.39
N CYS A 247 -12.59 2.20 6.03
CA CYS A 247 -11.62 1.27 5.48
C CYS A 247 -11.84 -0.09 6.10
N LEU A 248 -11.27 -1.11 5.45
CA LEU A 248 -11.24 -2.44 6.03
C LEU A 248 -9.96 -2.61 6.84
N LYS A 249 -10.06 -3.38 7.92
CA LYS A 249 -8.90 -3.68 8.75
C LYS A 249 -8.69 -5.18 8.81
N PRO A 250 -7.59 -5.71 8.27
CA PRO A 250 -7.28 -7.13 8.48
C PRO A 250 -6.90 -7.37 9.94
N VAL A 251 -7.53 -8.36 10.54
CA VAL A 251 -7.34 -8.67 11.96
C VAL A 251 -7.05 -10.16 12.08
N ILE A 252 -6.00 -10.49 12.82
CA ILE A 252 -5.65 -11.88 13.09
C ILE A 252 -6.41 -12.33 14.34
N LEU A 253 -7.23 -13.36 14.20
CA LEU A 253 -8.03 -13.90 15.29
C LEU A 253 -7.32 -15.10 15.89
N ASP A 254 -6.99 -15.01 17.19
CA ASP A 254 -6.44 -16.13 17.95
C ASP A 254 -5.18 -16.69 17.29
N GLY A 255 -4.46 -15.86 16.54
CA GLY A 255 -3.37 -16.36 15.73
C GLY A 255 -3.76 -17.46 14.76
N GLU A 256 -5.05 -17.57 14.46
CA GLU A 256 -5.62 -18.70 13.74
C GLU A 256 -6.10 -18.38 12.34
N ARG A 257 -6.58 -17.15 12.12
CA ARG A 257 -7.17 -16.77 10.85
C ARG A 257 -7.09 -15.26 10.72
N VAL A 258 -7.27 -14.77 9.50
CA VAL A 258 -7.31 -13.34 9.22
C VAL A 258 -8.69 -13.00 8.66
N ILE A 259 -9.36 -12.06 9.30
CA ILE A 259 -10.63 -11.55 8.83
C ILE A 259 -10.42 -10.11 8.38
N LEU A 260 -11.33 -9.63 7.55
CA LEU A 260 -11.35 -8.23 7.13
C LEU A 260 -12.45 -7.54 7.93
N ALA A 261 -12.06 -6.95 9.05
CA ALA A 261 -13.02 -6.34 9.96
C ALA A 261 -13.44 -4.96 9.46
N GLY A 262 -14.66 -4.57 9.83
CA GLY A 262 -15.18 -3.29 9.43
C GLY A 262 -16.26 -3.40 8.36
N PRO A 263 -16.40 -2.35 7.53
CA PRO A 263 -15.63 -1.10 7.50
C PRO A 263 -15.67 -0.29 8.79
N MET A 264 -14.59 0.45 9.02
CA MET A 264 -14.40 1.20 10.26
C MET A 264 -13.64 2.47 9.91
N PRO A 265 -13.60 3.44 10.83
CA PRO A 265 -12.96 4.73 10.50
C PRO A 265 -11.52 4.57 10.05
N VAL A 266 -11.10 5.48 9.18
CA VAL A 266 -9.70 5.57 8.77
C VAL A 266 -8.92 6.32 9.84
N THR A 267 -7.60 6.32 9.72
CA THR A 267 -6.78 7.14 10.60
C THR A 267 -6.84 8.61 10.17
N HIS A 268 -6.36 9.48 11.04
CA HIS A 268 -6.24 10.90 10.68
C HIS A 268 -5.29 11.07 9.49
N ALA A 269 -4.22 10.26 9.44
CA ALA A 269 -3.28 10.32 8.33
C ALA A 269 -3.96 9.99 7.02
N SER A 270 -4.72 8.90 6.98
CA SER A 270 -5.40 8.51 5.75
C SER A 270 -6.44 9.55 5.35
N ALA A 271 -7.22 10.05 6.32
CA ALA A 271 -8.20 11.09 6.01
C ALA A 271 -7.53 12.34 5.47
N ALA A 272 -6.39 12.73 6.06
CA ALA A 272 -5.67 13.89 5.56
C ALA A 272 -5.12 13.65 4.15
N GLN A 273 -4.67 12.42 3.87
CA GLN A 273 -4.15 12.10 2.54
C GLN A 273 -5.27 12.02 1.51
N ARG A 274 -6.44 11.50 1.90
CA ARG A 274 -7.57 11.47 0.99
C ARG A 274 -8.04 12.89 0.65
N ARG A 275 -8.22 13.71 1.68
CA ARG A 275 -8.53 15.13 1.48
C ARG A 275 -7.44 15.83 0.67
N GLY A 276 -6.18 15.44 0.89
CA GLY A 276 -5.05 16.06 0.22
C GLY A 276 -5.02 15.90 -1.28
N ARG A 277 -5.94 15.09 -1.85
CA ARG A 277 -6.01 14.97 -3.30
C ARG A 277 -6.44 16.27 -3.95
N ILE A 278 -7.18 17.12 -3.24
CA ILE A 278 -7.68 18.37 -3.81
C ILE A 278 -7.14 19.54 -3.00
N GLY A 279 -7.45 20.76 -3.44
CA GLY A 279 -6.85 21.94 -2.87
C GLY A 279 -5.38 22.11 -3.24
N ARG A 280 -4.93 21.43 -4.30
CA ARG A 280 -3.52 21.42 -4.67
C ARG A 280 -3.13 22.54 -5.63
N ASN A 281 -4.11 23.18 -6.29
CA ASN A 281 -3.82 24.25 -7.23
C ASN A 281 -3.94 25.59 -6.53
N PRO A 282 -2.85 26.33 -6.32
CA PRO A 282 -2.95 27.59 -5.59
C PRO A 282 -3.81 28.63 -6.29
N ASN A 283 -4.08 28.46 -7.58
CA ASN A 283 -4.90 29.39 -8.34
C ASN A 283 -6.32 28.89 -8.55
N LYS A 284 -6.68 27.77 -7.95
CA LYS A 284 -8.03 27.19 -8.08
C LYS A 284 -8.60 26.93 -6.70
N PRO A 285 -8.96 27.98 -5.96
CA PRO A 285 -9.62 27.77 -4.67
C PRO A 285 -11.06 27.34 -4.87
N GLY A 286 -11.57 26.63 -3.86
CA GLY A 286 -12.96 26.18 -3.89
C GLY A 286 -13.13 24.68 -4.03
N ASP A 287 -12.04 23.91 -4.06
CA ASP A 287 -12.17 22.46 -4.03
C ASP A 287 -12.93 22.03 -2.77
N GLU A 288 -13.69 20.95 -2.90
CA GLU A 288 -14.58 20.51 -1.83
C GLU A 288 -14.15 19.16 -1.29
N TYR A 289 -14.30 18.99 0.03
CA TYR A 289 -14.02 17.72 0.70
C TYR A 289 -15.23 17.34 1.52
N MET A 290 -15.97 16.33 1.06
CA MET A 290 -17.13 15.79 1.77
C MET A 290 -16.70 14.51 2.46
N TYR A 291 -16.85 14.45 3.79
CA TYR A 291 -16.43 13.30 4.57
C TYR A 291 -17.59 12.76 5.38
N GLY A 292 -17.72 11.44 5.40
CA GLY A 292 -18.91 10.79 5.96
C GLY A 292 -18.70 10.04 7.25
N GLY A 293 -17.70 10.44 8.03
CA GLY A 293 -17.47 9.80 9.31
C GLY A 293 -16.26 10.41 9.99
N GLY A 294 -16.06 9.99 11.24
CA GLY A 294 -14.92 10.44 12.01
C GLY A 294 -13.69 9.58 11.79
N CYS A 295 -12.60 9.99 12.44
CA CYS A 295 -11.35 9.25 12.41
C CYS A 295 -11.14 8.52 13.72
N ALA A 296 -10.40 7.41 13.63
CA ALA A 296 -9.96 6.67 14.81
C ALA A 296 -8.61 6.07 14.48
N GLU A 297 -7.88 5.66 15.51
CA GLU A 297 -6.57 5.04 15.30
CA GLU A 297 -6.58 5.03 15.34
C GLU A 297 -6.76 3.53 15.12
N THR A 298 -7.28 3.20 13.94
CA THR A 298 -7.57 1.82 13.57
C THR A 298 -6.33 1.09 13.04
N ASP A 299 -5.15 1.70 13.11
CA ASP A 299 -3.95 0.95 12.79
C ASP A 299 -3.44 0.11 13.96
N GLU A 300 -3.99 0.28 15.18
CA GLU A 300 -3.61 -0.59 16.28
C GLU A 300 -4.23 -1.97 16.09
N GLY A 301 -3.44 -3.03 16.29
CA GLY A 301 -3.94 -4.37 16.03
C GLY A 301 -4.18 -4.67 14.57
N HIS A 302 -3.80 -3.74 13.70
CA HIS A 302 -3.93 -3.94 12.27
C HIS A 302 -2.86 -4.92 11.80
N ALA A 303 -3.29 -5.95 11.07
CA ALA A 303 -2.41 -7.08 10.76
C ALA A 303 -1.17 -6.68 9.97
N HIS A 304 -1.21 -5.55 9.25
CA HIS A 304 -0.06 -5.16 8.44
C HIS A 304 1.20 -4.97 9.27
N TRP A 305 1.06 -4.50 10.51
CA TRP A 305 2.24 -4.29 11.34
C TRP A 305 2.76 -5.59 11.93
N LEU A 306 1.87 -6.56 12.18
CA LEU A 306 2.33 -7.91 12.50
C LEU A 306 3.05 -8.51 11.31
N GLU A 307 2.50 -8.34 10.10
CA GLU A 307 3.13 -8.86 8.91
C GLU A 307 4.48 -8.19 8.65
N ALA A 308 4.59 -6.89 8.99
CA ALA A 308 5.87 -6.20 8.86
C ALA A 308 6.93 -6.84 9.75
N ARG A 309 6.54 -7.26 10.96
CA ARG A 309 7.49 -7.94 11.84
C ARG A 309 7.88 -9.30 11.27
N MET A 310 6.95 -9.98 10.61
CA MET A 310 7.28 -11.24 9.94
C MET A 310 8.35 -11.03 8.89
N LEU A 311 8.26 -9.93 8.13
CA LEU A 311 9.27 -9.62 7.13
C LEU A 311 10.60 -9.27 7.79
N LEU A 312 10.56 -8.36 8.76
CA LEU A 312 11.80 -7.86 9.37
C LEU A 312 12.54 -8.97 10.11
N ASP A 313 11.80 -9.90 10.72
CA ASP A 313 12.44 -11.02 11.41
C ASP A 313 13.24 -11.90 10.45
N ASN A 314 13.00 -11.79 9.15
CA ASN A 314 13.68 -12.62 8.15
C ASN A 314 14.57 -11.79 7.23
N ILE A 315 14.93 -10.58 7.65
CA ILE A 315 15.88 -9.75 6.92
C ILE A 315 17.17 -9.69 7.75
N TYR A 316 18.29 -10.06 7.12
CA TYR A 316 19.56 -9.98 7.81
C TYR A 316 19.95 -8.52 8.02
N LEU A 317 20.35 -8.19 9.24
CA LEU A 317 20.85 -6.86 9.57
C LEU A 317 22.29 -6.92 10.05
N GLN A 318 22.56 -7.66 11.13
CA GLN A 318 23.92 -7.87 11.61
C GLN A 318 23.88 -9.06 12.55
N ASP A 319 24.58 -10.14 12.17
CA ASP A 319 24.60 -11.38 12.93
C ASP A 319 23.19 -11.82 13.29
N GLY A 320 22.88 -11.86 14.58
CA GLY A 320 21.55 -12.24 15.04
C GLY A 320 20.61 -11.09 15.32
N LEU A 321 21.07 -9.85 15.17
CA LEU A 321 20.23 -8.70 15.46
C LEU A 321 19.09 -8.58 14.45
N ILE A 322 17.97 -8.03 14.91
CA ILE A 322 16.76 -7.90 14.10
C ILE A 322 16.30 -6.46 14.17
N ALA A 323 16.00 -5.88 13.02
CA ALA A 323 15.58 -4.48 12.96
C ALA A 323 14.22 -4.30 13.60
N SER A 324 14.10 -3.26 14.42
CA SER A 324 12.84 -2.91 15.05
C SER A 324 11.99 -2.06 14.12
N LEU A 325 10.69 -2.04 14.38
CA LEU A 325 9.81 -1.13 13.65
C LEU A 325 10.20 0.31 13.94
N TYR A 326 9.93 1.18 12.97
CA TYR A 326 10.09 2.62 13.16
C TYR A 326 9.35 3.06 14.41
N ARG A 327 10.06 3.73 15.30
CA ARG A 327 9.57 4.02 16.66
C ARG A 327 8.15 4.54 16.71
N PRO A 328 7.73 5.54 15.93
CA PRO A 328 6.36 6.07 16.08
C PRO A 328 5.27 5.08 15.74
N GLU A 329 5.56 3.98 15.03
CA GLU A 329 4.55 2.99 14.69
C GLU A 329 4.81 1.63 15.32
N ALA A 330 5.77 1.54 16.24
CA ALA A 330 6.16 0.24 16.80
C ALA A 330 5.16 -0.31 17.81
N ASP A 331 4.25 0.52 18.32
CA ASP A 331 3.25 0.07 19.29
C ASP A 331 1.98 -0.44 18.63
N LYS A 332 1.92 -0.45 17.31
CA LYS A 332 0.73 -0.88 16.59
C LYS A 332 0.58 -2.39 16.51
N VAL A 333 1.46 -3.14 17.19
CA VAL A 333 1.40 -4.60 17.16
C VAL A 333 2.05 -5.13 18.42
N ALA A 334 1.43 -6.14 19.02
CA ALA A 334 1.98 -6.83 20.18
C ALA A 334 2.69 -8.08 19.68
N ALA A 335 3.95 -7.90 19.27
CA ALA A 335 4.74 -8.98 18.69
C ALA A 335 6.05 -9.11 19.44
N ILE A 336 6.49 -10.35 19.62
CA ILE A 336 7.80 -10.65 20.20
C ILE A 336 8.82 -10.60 19.08
N GLU A 337 9.79 -9.68 19.20
CA GLU A 337 10.78 -9.50 18.15
C GLU A 337 11.56 -10.79 17.92
N GLY A 338 11.68 -11.19 16.66
CA GLY A 338 12.35 -12.42 16.31
C GLY A 338 11.49 -13.66 16.36
N GLU A 339 10.23 -13.55 16.80
CA GLU A 339 9.39 -14.74 16.93
C GLU A 339 9.02 -15.36 15.59
N PHE A 340 9.18 -14.62 14.50
CA PHE A 340 8.85 -15.12 13.17
C PHE A 340 10.08 -15.47 12.34
N LYS A 341 11.26 -15.50 12.96
CA LYS A 341 12.48 -15.83 12.22
C LYS A 341 12.43 -17.28 11.75
N LEU A 342 12.65 -17.48 10.46
CA LEU A 342 12.60 -18.80 9.84
C LEU A 342 14.01 -19.25 9.48
N ARG A 343 14.20 -20.58 9.46
CA ARG A 343 15.44 -21.13 8.98
C ARG A 343 15.58 -20.87 7.48
N THR A 344 16.78 -21.18 6.96
CA THR A 344 17.13 -20.77 5.60
C THR A 344 16.13 -21.31 4.58
N GLU A 345 15.81 -22.59 4.65
CA GLU A 345 14.93 -23.18 3.65
C GLU A 345 13.49 -22.68 3.80
N GLN A 346 12.99 -22.62 5.03
CA GLN A 346 11.63 -22.14 5.24
C GLN A 346 11.49 -20.67 4.87
N ARG A 347 12.55 -19.88 5.11
CA ARG A 347 12.55 -18.49 4.66
C ARG A 347 12.39 -18.39 3.15
N LYS A 348 13.10 -19.25 2.41
CA LYS A 348 13.00 -19.22 0.95
C LYS A 348 11.59 -19.58 0.48
N THR A 349 10.95 -20.53 1.15
CA THR A 349 9.55 -20.84 0.84
C THR A 349 8.65 -19.65 1.15
N PHE A 350 8.84 -19.07 2.34
CA PHE A 350 8.11 -17.86 2.74
C PHE A 350 8.21 -16.78 1.67
N VAL A 351 9.43 -16.52 1.18
CA VAL A 351 9.61 -15.48 0.17
C VAL A 351 8.88 -15.84 -1.12
N GLU A 352 9.00 -17.09 -1.57
CA GLU A 352 8.40 -17.46 -2.85
C GLU A 352 6.88 -17.48 -2.78
N LEU A 353 6.31 -17.81 -1.61
CA LEU A 353 4.86 -17.76 -1.46
C LEU A 353 4.34 -16.33 -1.58
N MET A 354 5.15 -15.35 -1.21
CA MET A 354 4.74 -13.94 -1.31
C MET A 354 5.00 -13.38 -2.70
N LYS A 355 6.15 -13.71 -3.29
CA LYS A 355 6.51 -13.19 -4.60
C LYS A 355 5.74 -13.90 -5.69
N ARG A 356 6.14 -15.13 -6.01
CA ARG A 356 5.45 -15.89 -7.05
C ARG A 356 4.03 -16.26 -6.62
N GLY A 357 3.87 -16.70 -5.37
CA GLY A 357 2.56 -17.16 -4.92
C GLY A 357 1.56 -16.03 -4.78
N ASP A 358 2.02 -14.80 -4.59
CA ASP A 358 1.16 -13.63 -4.41
C ASP A 358 0.24 -13.78 -3.21
N LEU A 359 0.69 -14.51 -2.18
CA LEU A 359 -0.10 -14.68 -0.98
C LEU A 359 0.19 -13.57 0.02
N PRO A 360 -0.81 -13.21 0.83
CA PRO A 360 -0.56 -12.26 1.93
C PRO A 360 0.56 -12.75 2.83
N VAL A 361 1.27 -11.79 3.45
CA VAL A 361 2.41 -12.13 4.29
C VAL A 361 2.02 -13.14 5.36
N TRP A 362 0.93 -12.86 6.09
CA TRP A 362 0.52 -13.75 7.18
C TRP A 362 0.25 -15.16 6.68
N LEU A 363 -0.46 -15.29 5.56
CA LEU A 363 -0.77 -16.62 5.03
C LEU A 363 0.50 -17.34 4.58
N ALA A 364 1.39 -16.62 3.88
CA ALA A 364 2.65 -17.24 3.45
C ALA A 364 3.46 -17.72 4.64
N TYR A 365 3.45 -16.97 5.75
CA TYR A 365 4.19 -17.40 6.93
C TYR A 365 3.63 -18.70 7.50
N GLN A 366 2.30 -18.82 7.56
CA GLN A 366 1.69 -20.03 8.10
C GLN A 366 2.12 -21.26 7.31
N VAL A 367 2.11 -21.16 5.98
CA VAL A 367 2.47 -22.30 5.15
C VAL A 367 3.95 -22.63 5.29
N ALA A 368 4.81 -21.61 5.19
CA ALA A 368 6.25 -21.84 5.24
C ALA A 368 6.67 -22.39 6.61
N SER A 369 6.19 -21.76 7.69
CA SER A 369 6.57 -22.21 9.03
C SER A 369 6.00 -23.59 9.37
N ALA A 370 5.04 -24.09 8.60
CA ALA A 370 4.53 -25.44 8.80
C ALA A 370 5.38 -26.49 8.08
N GLY A 371 6.46 -26.09 7.42
CA GLY A 371 7.32 -27.03 6.73
C GLY A 371 6.81 -27.46 5.37
N ILE A 372 5.88 -26.74 4.78
CA ILE A 372 5.32 -27.06 3.49
C ILE A 372 6.16 -26.40 2.40
N THR A 373 6.47 -27.15 1.34
CA THR A 373 7.21 -26.57 0.23
C THR A 373 6.27 -25.79 -0.69
N TYR A 374 6.87 -24.97 -1.56
CA TYR A 374 6.09 -23.97 -2.28
C TYR A 374 5.02 -24.60 -3.17
N THR A 375 5.37 -25.68 -3.87
CA THR A 375 4.47 -26.30 -4.83
C THR A 375 3.48 -27.26 -4.19
N ASP A 376 3.58 -27.51 -2.89
CA ASP A 376 2.68 -28.41 -2.18
C ASP A 376 1.41 -27.65 -1.82
N ARG A 377 0.32 -27.95 -2.53
CA ARG A 377 -0.93 -27.22 -2.37
C ARG A 377 -1.99 -27.99 -1.61
N ARG A 378 -1.62 -29.12 -0.98
CA ARG A 378 -2.61 -29.93 -0.28
C ARG A 378 -3.29 -29.16 0.84
N TRP A 379 -2.57 -28.21 1.45
CA TRP A 379 -3.15 -27.40 2.52
C TRP A 379 -4.32 -26.53 2.04
N CYS A 380 -4.46 -26.32 0.73
CA CYS A 380 -5.56 -25.52 0.23
C CYS A 380 -6.90 -26.23 0.33
N PHE A 381 -6.92 -27.51 0.71
CA PHE A 381 -8.14 -28.31 0.69
C PHE A 381 -8.42 -29.08 1.96
N ASP A 382 -7.51 -29.11 2.95
CA ASP A 382 -7.67 -29.95 4.12
C ASP A 382 -7.99 -29.15 5.39
N GLY A 383 -8.53 -27.94 5.24
CA GLY A 383 -8.94 -27.15 6.38
C GLY A 383 -10.30 -27.57 6.91
N THR A 384 -10.68 -26.94 8.03
CA THR A 384 -11.97 -27.22 8.64
C THR A 384 -13.10 -26.69 7.76
N THR A 385 -14.31 -27.18 8.03
CA THR A 385 -15.45 -26.88 7.16
C THR A 385 -15.81 -25.40 7.19
N ASN A 386 -15.57 -24.71 8.30
CA ASN A 386 -15.86 -23.28 8.36
C ASN A 386 -14.84 -22.45 7.59
N ASN A 387 -13.74 -23.06 7.14
CA ASN A 387 -12.77 -22.40 6.27
C ASN A 387 -13.13 -22.50 4.80
N THR A 388 -14.30 -23.05 4.48
CA THR A 388 -14.74 -23.16 3.10
C THR A 388 -14.90 -21.78 2.48
N ILE A 389 -14.29 -21.58 1.32
CA ILE A 389 -14.40 -20.32 0.60
C ILE A 389 -15.59 -20.39 -0.34
N MET A 390 -16.42 -19.35 -0.32
CA MET A 390 -17.64 -19.30 -1.10
C MET A 390 -17.47 -18.37 -2.30
N GLU A 391 -18.15 -18.72 -3.39
CA GLU A 391 -18.12 -17.92 -4.62
CA GLU A 391 -18.12 -17.93 -4.63
C GLU A 391 -19.56 -17.83 -5.13
N ASP A 392 -20.21 -16.70 -4.86
CA ASP A 392 -21.61 -16.50 -5.20
C ASP A 392 -22.50 -17.50 -4.45
N SER A 393 -22.28 -17.60 -3.14
CA SER A 393 -23.06 -18.39 -2.21
C SER A 393 -23.01 -19.89 -2.50
N VAL A 394 -22.06 -20.35 -3.31
CA VAL A 394 -21.81 -21.77 -3.49
C VAL A 394 -20.34 -21.99 -3.15
N PRO A 395 -19.98 -23.08 -2.47
CA PRO A 395 -18.56 -23.33 -2.17
C PRO A 395 -17.71 -23.30 -3.43
N ALA A 396 -16.61 -22.56 -3.36
CA ALA A 396 -15.70 -22.46 -4.50
C ALA A 396 -15.03 -23.81 -4.75
N GLU A 397 -14.90 -24.16 -6.02
CA GLU A 397 -14.32 -25.43 -6.41
C GLU A 397 -13.25 -25.20 -7.46
N VAL A 398 -12.19 -26.02 -7.39
CA VAL A 398 -11.13 -26.02 -8.39
C VAL A 398 -10.77 -27.47 -8.70
N TRP A 399 -10.14 -27.66 -9.86
CA TRP A 399 -9.48 -28.91 -10.16
C TRP A 399 -8.07 -28.85 -9.60
N THR A 400 -7.74 -29.79 -8.72
CA THR A 400 -6.38 -29.82 -8.19
C THR A 400 -5.39 -30.16 -9.30
N LYS A 401 -4.10 -29.99 -8.98
CA LYS A 401 -3.05 -30.36 -9.93
C LYS A 401 -3.07 -31.85 -10.25
N TYR A 402 -3.74 -32.65 -9.42
CA TYR A 402 -3.89 -34.08 -9.69
C TYR A 402 -5.07 -34.38 -10.60
N GLY A 403 -5.89 -33.38 -10.93
CA GLY A 403 -7.04 -33.61 -11.78
C GLY A 403 -8.33 -33.93 -11.06
N GLU A 404 -8.41 -33.65 -9.75
CA GLU A 404 -9.57 -33.96 -8.94
C GLU A 404 -10.28 -32.68 -8.57
N LYS A 405 -11.59 -32.62 -8.80
CA LYS A 405 -12.38 -31.46 -8.42
C LYS A 405 -12.60 -31.47 -6.91
N ARG A 406 -12.18 -30.40 -6.24
CA ARG A 406 -12.25 -30.33 -4.79
C ARG A 406 -12.74 -28.96 -4.36
N VAL A 407 -13.35 -28.93 -3.17
CA VAL A 407 -13.83 -27.68 -2.58
C VAL A 407 -12.64 -26.92 -2.00
N LEU A 408 -12.61 -25.62 -2.26
CA LEU A 408 -11.56 -24.76 -1.71
C LEU A 408 -11.78 -24.61 -0.20
N LYS A 409 -10.86 -25.18 0.59
CA LYS A 409 -11.00 -25.23 2.04
C LYS A 409 -9.62 -25.15 2.66
N PRO A 410 -9.00 -23.97 2.63
CA PRO A 410 -7.60 -23.86 3.06
C PRO A 410 -7.44 -24.10 4.55
N ARG A 411 -6.30 -24.68 4.92
CA ARG A 411 -6.02 -24.98 6.32
C ARG A 411 -5.96 -23.70 7.15
N TRP A 412 -5.39 -22.64 6.60
CA TRP A 412 -5.40 -21.32 7.21
C TRP A 412 -6.24 -20.39 6.34
N MET A 413 -7.18 -19.70 6.97
CA MET A 413 -8.14 -18.86 6.25
C MET A 413 -7.70 -17.40 6.39
N ASP A 414 -7.30 -16.80 5.28
CA ASP A 414 -6.99 -15.38 5.20
C ASP A 414 -8.03 -14.74 4.29
N ALA A 415 -8.87 -13.87 4.85
CA ALA A 415 -9.99 -13.30 4.11
C ALA A 415 -9.54 -12.48 2.90
N ARG A 416 -8.27 -12.12 2.82
CA ARG A 416 -7.80 -11.31 1.70
C ARG A 416 -7.62 -12.11 0.41
N VAL A 417 -7.57 -13.45 0.50
CA VAL A 417 -7.47 -14.26 -0.72
C VAL A 417 -8.80 -14.39 -1.45
N CYS A 418 -9.89 -13.84 -0.90
CA CYS A 418 -11.19 -13.93 -1.55
C CYS A 418 -12.04 -12.69 -1.28
N SER A 419 -11.40 -11.54 -1.05
CA SER A 419 -12.14 -10.32 -0.73
C SER A 419 -12.88 -9.74 -1.93
N ASP A 420 -12.50 -10.13 -3.14
CA ASP A 420 -13.23 -9.76 -4.34
C ASP A 420 -13.05 -10.85 -5.38
N HIS A 421 -13.69 -10.67 -6.54
CA HIS A 421 -13.64 -11.70 -7.57
C HIS A 421 -12.22 -11.94 -8.07
N ALA A 422 -11.44 -10.87 -8.23
CA ALA A 422 -10.09 -11.01 -8.76
C ALA A 422 -9.19 -11.75 -7.77
N ALA A 423 -9.31 -11.46 -6.48
CA ALA A 423 -8.49 -12.13 -5.47
C ALA A 423 -8.82 -13.61 -5.41
N LEU A 424 -10.11 -13.96 -5.40
CA LEU A 424 -10.50 -15.36 -5.36
C LEU A 424 -10.05 -16.09 -6.62
N LYS A 425 -10.16 -15.44 -7.78
CA LYS A 425 -9.67 -16.05 -9.02
C LYS A 425 -8.18 -16.36 -8.92
N SER A 426 -7.40 -15.42 -8.37
CA SER A 426 -5.96 -15.65 -8.23
C SER A 426 -5.67 -16.78 -7.26
N PHE A 427 -6.44 -16.88 -6.18
CA PHE A 427 -6.20 -17.94 -5.19
C PHE A 427 -6.65 -19.30 -5.73
N LYS A 428 -7.73 -19.32 -6.50
CA LYS A 428 -8.15 -20.57 -7.13
C LYS A 428 -7.06 -21.10 -8.05
N GLU A 429 -6.43 -20.22 -8.84
CA GLU A 429 -5.31 -20.63 -9.66
C GLU A 429 -4.15 -21.15 -8.82
N PHE A 430 -3.89 -20.51 -7.68
CA PHE A 430 -2.83 -20.97 -6.80
C PHE A 430 -3.13 -22.37 -6.26
N ALA A 431 -4.35 -22.56 -5.77
CA ALA A 431 -4.72 -23.86 -5.22
C ALA A 431 -4.66 -24.95 -6.28
N ALA A 432 -4.86 -24.60 -7.55
CA ALA A 432 -4.79 -25.56 -8.64
C ALA A 432 -3.37 -25.81 -9.11
N GLY A 433 -2.38 -25.12 -8.54
CA GLY A 433 -1.00 -25.30 -8.93
C GLY A 433 -0.60 -24.59 -10.21
N LYS A 434 -1.33 -23.55 -10.60
CA LYS A 434 -1.07 -22.86 -11.86
C LYS A 434 0.02 -21.81 -11.76
N ARG A 435 0.59 -21.60 -10.58
CA ARG A 435 1.74 -20.73 -10.42
C ARG A 435 2.53 -21.10 -9.17
C1 EDO B . 1.40 -1.24 -4.88
O1 EDO B . 0.47 -1.83 -3.96
C2 EDO B . 1.67 -2.20 -6.03
O2 EDO B . 2.81 -1.75 -6.77
P PO4 C . 4.22 17.15 -2.36
O1 PO4 C . 5.15 16.07 -2.86
O2 PO4 C . 4.79 17.79 -1.13
O3 PO4 C . 2.88 16.54 -2.04
O4 PO4 C . 4.05 18.20 -3.43
P PO4 D . -6.50 -5.41 1.52
O1 PO4 D . -5.55 -6.59 1.61
O2 PO4 D . -7.81 -5.86 0.94
O3 PO4 D . -6.72 -4.85 2.90
O4 PO4 D . -5.89 -4.34 0.64
C1 MPD E . 6.27 -8.29 1.01
C2 MPD E . 6.69 -8.35 -0.40
O2 MPD E . 5.66 -8.87 -1.17
CM MPD E . 7.18 -7.05 -0.95
C3 MPD E . 7.94 -9.17 -0.37
C4 MPD E . 7.88 -10.32 -1.26
O4 MPD E . 7.22 -10.03 -2.44
C5 MPD E . 9.21 -10.86 -1.55
#